data_3ZMC
#
_entry.id   3ZMC
#
_cell.length_a   85.963
_cell.length_b   98.778
_cell.length_c   130.554
_cell.angle_alpha   90.00
_cell.angle_beta   90.00
_cell.angle_gamma   90.00
#
_symmetry.space_group_name_H-M   'C 2 2 21'
#
loop_
_entity.id
_entity.type
_entity.pdbx_description
1 polymer GERANYLTRANSTRANSFERASE
2 non-polymer 'GERANYL DIPHOSPHATE'
3 non-polymer 'MAGNESIUM ION'
4 non-polymer 'DIMETHYL SULFOXIDE'
5 non-polymer GLYCEROL
6 water water
#
_entity_poly.entity_id   1
_entity_poly.type   'polypeptide(L)'
_entity_poly.pdbx_seq_one_letter_code
;SMIAAYQARCQARVDAALDALFVAPREELQRLYEAMRYSVMNGGKRVRPLLAYAACEALGGAPQRADAAACAVELIHAYS
LVHDDLPAMDDDDLRRGQPTTHRAFDEATAILAADGLQALAFEVLADTRRNPQEHAVCLEMLTRLARAAGSAGMVGGQAI
DLGSVGVALDQAALEVMHRHKTGALIEASVRLGALASGRAEPASLAALERYAEAIGLAFQVQDDILDVESDTATLGKTQG
KDQAHNKPTYPALLGLEAAKGYALELRDLALAALDGFPPSADPLRQLARYIVERRN
;
_entity_poly.pdbx_strand_id   A,B
#
# COMPACT_ATOMS: atom_id res chain seq x y z
N MET A 2 11.28 19.11 27.71
CA MET A 2 10.01 18.48 28.12
C MET A 2 9.32 17.84 26.89
N ILE A 3 8.58 18.59 26.07
CA ILE A 3 8.10 18.02 24.79
C ILE A 3 9.33 17.66 23.89
N ALA A 4 10.42 18.42 23.99
CA ALA A 4 11.64 18.06 23.30
C ALA A 4 12.21 16.72 23.77
N ALA A 5 12.22 16.46 25.06
CA ALA A 5 12.70 15.19 25.59
C ALA A 5 11.74 14.05 25.16
N TYR A 6 10.44 14.34 25.17
CA TYR A 6 9.42 13.37 24.72
C TYR A 6 9.65 13.01 23.24
N GLN A 7 9.80 14.03 22.42
CA GLN A 7 10.07 13.81 21.00
C GLN A 7 11.32 12.97 20.74
N ALA A 8 12.38 13.21 21.52
CA ALA A 8 13.62 12.45 21.34
C ALA A 8 13.49 11.00 21.73
N ARG A 9 12.77 10.70 22.78
CA ARG A 9 12.41 9.33 23.09
C ARG A 9 11.54 8.61 22.08
N CYS A 10 10.50 9.30 21.56
CA CYS A 10 9.65 8.68 20.55
C CYS A 10 10.46 8.42 19.27
N GLN A 11 11.30 9.37 18.91
CA GLN A 11 12.21 9.20 17.80
C GLN A 11 13.14 8.02 17.98
N ALA A 12 13.80 7.94 19.12
CA ALA A 12 14.71 6.80 19.35
C ALA A 12 13.97 5.47 19.25
N ARG A 13 12.83 5.40 19.89
CA ARG A 13 12.05 4.18 19.92
C ARG A 13 11.57 3.73 18.53
N VAL A 14 10.99 4.64 17.77
CA VAL A 14 10.52 4.28 16.43
C VAL A 14 11.67 4.03 15.45
N ASP A 15 12.76 4.75 15.58
CA ASP A 15 13.90 4.51 14.70
C ASP A 15 14.47 3.12 14.92
N ALA A 16 14.46 2.67 16.15
CA ALA A 16 14.97 1.30 16.45
C ALA A 16 14.09 0.23 15.81
N ALA A 17 12.77 0.41 15.92
CA ALA A 17 11.84 -0.50 15.27
C ALA A 17 11.90 -0.41 13.77
N LEU A 18 12.00 0.80 13.21
CA LEU A 18 12.12 0.98 11.74
C LEU A 18 13.40 0.35 11.15
N ASP A 19 14.50 0.61 11.81
CA ASP A 19 15.74 0.13 11.39
C ASP A 19 15.76 -1.40 11.20
N ALA A 20 15.03 -2.12 12.04
CA ALA A 20 14.95 -3.55 11.92
C ALA A 20 14.19 -4.08 10.67
N LEU A 21 13.55 -3.21 9.90
CA LEU A 21 12.69 -3.65 8.82
C LEU A 21 13.41 -3.68 7.49
N PHE A 22 14.64 -3.21 7.43
CA PHE A 22 15.26 -2.94 6.13
C PHE A 22 16.34 -3.95 5.79
N VAL A 23 16.18 -5.18 6.22
CA VAL A 23 17.11 -6.26 5.88
C VAL A 23 16.59 -7.01 4.68
N ALA A 24 17.30 -6.92 3.56
CA ALA A 24 16.90 -7.59 2.36
C ALA A 24 16.84 -9.07 2.64
N PRO A 25 15.77 -9.75 2.19
CA PRO A 25 15.73 -11.22 2.44
C PRO A 25 16.67 -11.97 1.52
N ARG A 26 17.13 -11.32 0.46
CA ARG A 26 18.20 -11.90 -0.36
C ARG A 26 19.00 -10.86 -1.13
N GLU A 27 20.13 -11.29 -1.67
CA GLU A 27 21.15 -10.41 -2.17
C GLU A 27 20.73 -9.59 -3.37
N GLU A 28 19.83 -10.14 -4.20
CA GLU A 28 19.31 -9.44 -5.38
C GLU A 28 18.46 -8.21 -5.03
N LEU A 29 17.95 -8.19 -3.80
CA LEU A 29 17.11 -7.09 -3.34
C LEU A 29 17.88 -6.13 -2.45
N GLN A 30 19.19 -6.31 -2.31
CA GLN A 30 19.95 -5.43 -1.39
C GLN A 30 19.86 -3.94 -1.69
N ARG A 31 19.93 -3.61 -2.97
CA ARG A 31 19.93 -2.21 -3.37
C ARG A 31 18.52 -1.58 -3.17
N LEU A 32 17.46 -2.31 -3.53
CA LEU A 32 16.13 -1.84 -3.18
C LEU A 32 15.99 -1.53 -1.68
N TYR A 33 16.40 -2.45 -0.82
CA TYR A 33 16.28 -2.30 0.61
C TYR A 33 17.13 -1.17 1.12
N GLU A 34 18.28 -0.93 0.46
CA GLU A 34 19.07 0.22 0.88
C GLU A 34 18.34 1.51 0.51
N ALA A 35 17.67 1.53 -0.63
CA ALA A 35 16.95 2.74 -1.00
C ALA A 35 15.76 3.00 -0.05
N MET A 36 15.14 1.92 0.34
CA MET A 36 14.12 1.98 1.38
C MET A 36 14.66 2.55 2.70
N ARG A 37 15.82 2.04 3.15
CA ARG A 37 16.38 2.54 4.33
C ARG A 37 16.73 4.01 4.18
N TYR A 38 17.39 4.37 3.13
CA TYR A 38 17.81 5.76 2.87
C TYR A 38 16.63 6.72 2.96
N SER A 39 15.50 6.27 2.42
CA SER A 39 14.25 7.08 2.41
C SER A 39 13.55 7.27 3.81
N VAL A 40 13.81 6.42 4.78
CA VAL A 40 13.12 6.48 6.05
C VAL A 40 14.10 6.91 7.14
N MET A 41 15.32 6.38 7.13
CA MET A 41 16.29 6.63 8.18
C MET A 41 17.07 7.89 7.85
N ASN A 42 16.38 9.03 7.85
CA ASN A 42 17.00 10.30 7.37
C ASN A 42 17.04 11.40 8.41
N GLY A 43 16.90 11.03 9.68
CA GLY A 43 16.98 12.00 10.79
C GLY A 43 15.71 12.82 10.91
N GLY A 44 14.60 12.33 10.40
CA GLY A 44 13.32 13.04 10.51
C GLY A 44 12.86 13.16 11.95
N LYS A 45 12.00 14.14 12.20
CA LYS A 45 11.56 14.42 13.56
C LYS A 45 10.50 13.43 14.14
N ARG A 46 9.88 12.62 13.28
CA ARG A 46 8.94 11.56 13.72
C ARG A 46 7.77 12.08 14.49
N VAL A 47 7.23 13.16 14.04
CA VAL A 47 6.01 13.69 14.65
C VAL A 47 4.81 12.72 14.61
N ARG A 48 4.68 11.96 13.52
CA ARG A 48 3.54 11.05 13.42
C ARG A 48 3.69 9.94 14.47
N PRO A 49 4.87 9.30 14.58
CA PRO A 49 5.08 8.40 15.68
C PRO A 49 4.88 9.05 17.06
N LEU A 50 5.34 10.28 17.27
CA LEU A 50 5.14 10.95 18.56
C LEU A 50 3.61 11.02 18.80
N LEU A 51 2.87 11.37 17.76
CA LEU A 51 1.44 11.48 17.91
C LEU A 51 0.80 10.11 18.30
N ALA A 52 1.25 9.03 17.71
CA ALA A 52 0.70 7.70 18.03
C ALA A 52 1.03 7.29 19.49
N TYR A 53 2.28 7.50 19.87
CA TYR A 53 2.74 7.20 21.23
C TYR A 53 1.97 8.03 22.27
N ALA A 54 1.82 9.31 21.97
CA ALA A 54 1.17 10.20 22.87
C ALA A 54 -0.33 9.92 22.97
N ALA A 55 -0.96 9.57 21.84
CA ALA A 55 -2.39 9.30 21.88
C ALA A 55 -2.60 8.00 22.65
N CYS A 56 -1.73 7.03 22.41
CA CYS A 56 -1.78 5.80 23.20
C CYS A 56 -1.69 6.11 24.75
N GLU A 57 -0.65 6.83 25.15
CA GLU A 57 -0.46 7.28 26.57
C GLU A 57 -1.57 8.16 27.11
N ALA A 58 -2.22 8.95 26.26
CA ALA A 58 -3.30 9.85 26.71
C ALA A 58 -4.48 9.03 27.26
N LEU A 59 -4.65 7.83 26.72
CA LEU A 59 -5.76 6.95 27.08
C LEU A 59 -5.28 5.92 28.11
N GLY A 60 -4.05 6.03 28.59
CA GLY A 60 -3.55 5.14 29.64
C GLY A 60 -2.78 3.93 29.18
N GLY A 61 -2.45 3.86 27.89
CA GLY A 61 -1.75 2.69 27.39
C GLY A 61 -0.25 2.80 27.52
N ALA A 62 0.42 1.71 27.80
CA ALA A 62 1.89 1.74 27.71
C ALA A 62 2.30 2.06 26.24
N PRO A 63 3.23 2.98 26.03
CA PRO A 63 3.52 3.38 24.63
C PRO A 63 4.04 2.28 23.69
N GLN A 64 4.69 1.26 24.21
CA GLN A 64 5.21 0.20 23.36
C GLN A 64 4.05 -0.52 22.63
N ARG A 65 2.86 -0.47 23.19
CA ARG A 65 1.70 -0.96 22.47
C ARG A 65 1.52 -0.31 21.07
N ALA A 66 1.94 0.92 20.94
CA ALA A 66 1.80 1.71 19.73
C ALA A 66 2.99 1.59 18.79
N ASP A 67 3.94 0.68 19.08
CA ASP A 67 5.09 0.55 18.21
C ASP A 67 4.77 0.31 16.77
N ALA A 68 3.86 -0.59 16.46
CA ALA A 68 3.56 -0.86 15.07
C ALA A 68 2.87 0.33 14.39
N ALA A 69 1.98 0.98 15.13
CA ALA A 69 1.24 2.09 14.63
C ALA A 69 2.22 3.16 14.28
N ALA A 70 3.20 3.39 15.18
CA ALA A 70 4.19 4.40 14.99
C ALA A 70 5.01 4.09 13.71
N CYS A 71 5.37 2.86 13.50
CA CYS A 71 6.13 2.50 12.32
C CYS A 71 5.28 2.73 11.06
N ALA A 72 4.06 2.22 11.09
CA ALA A 72 3.21 2.30 9.89
C ALA A 72 3.00 3.74 9.41
N VAL A 73 2.63 4.64 10.33
CA VAL A 73 2.41 6.04 9.94
C VAL A 73 3.68 6.71 9.44
N GLU A 74 4.84 6.42 10.03
CA GLU A 74 6.08 6.99 9.49
C GLU A 74 6.47 6.39 8.12
N LEU A 75 6.18 5.09 7.94
CA LEU A 75 6.34 4.45 6.62
C LEU A 75 5.52 5.11 5.51
N ILE A 76 4.26 5.35 5.77
CA ILE A 76 3.43 6.04 4.81
C ILE A 76 3.94 7.45 4.57
N HIS A 77 4.27 8.17 5.63
CA HIS A 77 4.86 9.53 5.53
C HIS A 77 6.10 9.51 4.64
N ALA A 78 7.03 8.61 4.92
CA ALA A 78 8.25 8.51 4.14
C ALA A 78 8.01 8.20 2.67
N TYR A 79 7.13 7.25 2.37
CA TYR A 79 6.90 6.90 0.99
C TYR A 79 6.35 8.17 0.25
N SER A 80 5.46 8.88 0.91
CA SER A 80 4.84 10.04 0.29
C SER A 80 5.84 11.16 -0.09
N LEU A 81 6.83 11.34 0.71
CA LEU A 81 7.80 12.33 0.45
C LEU A 81 8.71 11.88 -0.70
N VAL A 82 8.99 10.59 -0.82
CA VAL A 82 9.82 10.12 -1.92
C VAL A 82 9.11 10.40 -3.23
N HIS A 83 7.82 10.06 -3.32
CA HIS A 83 7.03 10.34 -4.49
C HIS A 83 6.87 11.84 -4.79
N ASP A 84 6.65 12.66 -3.77
CA ASP A 84 6.49 14.11 -3.91
C ASP A 84 7.75 14.76 -4.51
N ASP A 85 8.92 14.21 -4.20
CA ASP A 85 10.23 14.78 -4.65
C ASP A 85 10.49 14.46 -6.07
N LEU A 86 9.78 13.51 -6.64
CA LEU A 86 10.07 13.07 -7.99
C LEU A 86 9.94 14.14 -9.09
N PRO A 87 10.62 13.94 -10.20
CA PRO A 87 10.60 14.88 -11.33
C PRO A 87 9.21 15.13 -11.84
N ALA A 88 8.33 14.14 -11.81
CA ALA A 88 6.96 14.33 -12.24
C ALA A 88 6.16 15.21 -11.27
N MET A 89 6.62 15.34 -10.01
CA MET A 89 5.88 16.17 -9.06
C MET A 89 6.76 17.38 -8.71
N ASP A 90 7.43 17.40 -7.56
CA ASP A 90 8.14 18.64 -7.20
C ASP A 90 9.59 18.68 -7.74
N ASP A 91 10.12 17.56 -8.19
CA ASP A 91 11.39 17.54 -8.85
C ASP A 91 12.51 18.16 -8.01
N ASP A 92 12.65 17.69 -6.79
CA ASP A 92 13.56 18.21 -5.86
C ASP A 92 14.80 17.40 -5.76
N ASP A 93 15.93 18.09 -5.86
CA ASP A 93 17.24 17.44 -5.71
C ASP A 93 17.58 17.17 -4.26
N LEU A 94 16.99 17.92 -3.33
CA LEU A 94 17.35 17.84 -1.94
C LEU A 94 16.13 17.74 -1.07
N ARG A 95 16.28 17.06 0.06
CA ARG A 95 15.28 17.11 1.10
C ARG A 95 16.03 17.32 2.37
N ARG A 96 15.70 18.38 3.07
CA ARG A 96 16.44 18.74 4.29
C ARG A 96 17.96 18.71 4.02
N GLY A 97 18.32 19.30 2.91
CA GLY A 97 19.72 19.38 2.51
C GLY A 97 20.43 18.11 2.08
N GLN A 98 19.76 16.97 1.94
CA GLN A 98 20.42 15.76 1.52
C GLN A 98 19.83 15.33 0.17
N PRO A 99 20.63 14.66 -0.67
CA PRO A 99 20.08 14.21 -1.94
C PRO A 99 18.80 13.41 -1.76
N THR A 100 17.87 13.64 -2.65
CA THR A 100 16.66 12.84 -2.61
C THR A 100 16.91 11.46 -3.14
N THR A 101 15.91 10.61 -2.96
CA THR A 101 16.15 9.21 -3.19
C THR A 101 16.40 8.96 -4.65
N HIS A 102 15.68 9.66 -5.52
CA HIS A 102 15.81 9.49 -6.93
C HIS A 102 17.18 9.97 -7.46
N ARG A 103 17.81 10.86 -6.73
CA ARG A 103 19.20 11.32 -7.00
C ARG A 103 20.24 10.46 -6.44
N ALA A 104 20.05 9.97 -5.22
CA ALA A 104 21.05 9.11 -4.59
C ALA A 104 21.11 7.72 -5.27
N PHE A 105 19.94 7.26 -5.72
CA PHE A 105 19.77 6.02 -6.42
C PHE A 105 19.40 6.33 -7.88
N ASP A 106 18.13 6.22 -8.24
CA ASP A 106 17.65 6.53 -9.51
C ASP A 106 16.14 6.63 -9.41
N GLU A 107 15.52 7.12 -10.48
CA GLU A 107 14.10 7.48 -10.43
C GLU A 107 13.21 6.22 -10.28
N ALA A 108 13.52 5.20 -11.03
CA ALA A 108 12.78 3.93 -10.87
C ALA A 108 12.89 3.36 -9.48
N THR A 109 14.10 3.30 -8.95
CA THR A 109 14.38 2.69 -7.66
C THR A 109 13.68 3.50 -6.58
N ALA A 110 13.63 4.81 -6.74
CA ALA A 110 12.84 5.65 -5.78
C ALA A 110 11.39 5.37 -5.80
N ILE A 111 10.80 5.28 -7.00
CA ILE A 111 9.39 4.89 -7.15
C ILE A 111 9.15 3.58 -6.48
N LEU A 112 10.01 2.62 -6.75
CA LEU A 112 9.82 1.28 -6.21
C LEU A 112 10.02 1.20 -4.70
N ALA A 113 11.07 1.83 -4.19
CA ALA A 113 11.31 1.81 -2.81
C ALA A 113 10.08 2.29 -2.08
N ALA A 114 9.55 3.38 -2.55
CA ALA A 114 8.42 3.95 -1.86
C ALA A 114 7.21 3.05 -2.00
N ASP A 115 7.03 2.46 -3.16
CA ASP A 115 5.91 1.51 -3.28
C ASP A 115 6.03 0.38 -2.21
N GLY A 116 7.26 -0.14 -2.05
CA GLY A 116 7.54 -1.15 -1.02
C GLY A 116 7.27 -0.62 0.39
N LEU A 117 7.58 0.67 0.62
CA LEU A 117 7.29 1.26 1.93
C LEU A 117 5.78 1.26 2.28
N GLN A 118 4.96 1.50 1.27
CA GLN A 118 3.52 1.50 1.45
C GLN A 118 3.07 0.13 1.85
N ALA A 119 3.52 -0.88 1.11
CA ALA A 119 3.12 -2.27 1.43
C ALA A 119 3.64 -2.69 2.82
N LEU A 120 4.83 -2.23 3.20
CA LEU A 120 5.40 -2.63 4.45
C LEU A 120 4.58 -2.04 5.60
N ALA A 121 4.04 -0.84 5.38
CA ALA A 121 3.23 -0.14 6.44
C ALA A 121 2.04 -1.02 6.76
N PHE A 122 1.40 -1.55 5.74
CA PHE A 122 0.24 -2.42 6.01
C PHE A 122 0.63 -3.80 6.56
N GLU A 123 1.72 -4.33 6.04
CA GLU A 123 2.22 -5.53 6.54
C GLU A 123 2.47 -5.42 8.02
N VAL A 124 3.11 -4.34 8.50
CA VAL A 124 3.44 -4.14 9.90
C VAL A 124 2.19 -4.16 10.84
N LEU A 125 1.12 -3.49 10.44
CA LEU A 125 -0.13 -3.50 11.16
C LEU A 125 -0.90 -4.80 11.16
N ALA A 126 -0.85 -5.58 10.06
CA ALA A 126 -1.58 -6.83 9.97
C ALA A 126 -0.84 -7.96 10.66
N ASP A 127 0.44 -7.78 10.89
CA ASP A 127 1.28 -8.77 11.53
C ASP A 127 1.02 -8.83 13.04
N THR A 128 0.28 -9.83 13.50
CA THR A 128 -0.14 -9.85 14.95
C THR A 128 0.99 -10.04 15.97
N ARG A 129 2.20 -10.33 15.50
CA ARG A 129 3.34 -10.43 16.37
C ARG A 129 3.90 -9.02 16.57
N ARG A 130 4.04 -8.25 15.49
CA ARG A 130 4.54 -6.87 15.63
C ARG A 130 3.53 -5.88 16.21
N ASN A 131 2.25 -6.14 15.96
CA ASN A 131 1.11 -5.29 16.33
C ASN A 131 0.11 -6.13 17.14
N PRO A 132 0.47 -6.49 18.36
CA PRO A 132 -0.25 -7.59 19.05
C PRO A 132 -1.50 -7.09 19.75
N GLN A 133 -2.43 -6.53 19.00
CA GLN A 133 -3.64 -6.00 19.61
C GLN A 133 -4.68 -7.07 19.45
N GLU A 134 -5.89 -6.83 19.97
CA GLU A 134 -7.05 -7.68 19.58
C GLU A 134 -7.29 -7.60 18.07
N HIS A 135 -7.74 -8.70 17.49
CA HIS A 135 -7.82 -8.74 16.05
C HIS A 135 -8.71 -7.66 15.50
N ALA A 136 -9.84 -7.43 16.15
CA ALA A 136 -10.73 -6.38 15.64
C ALA A 136 -10.08 -4.98 15.66
N VAL A 137 -9.20 -4.74 16.61
CA VAL A 137 -8.49 -3.46 16.67
C VAL A 137 -7.45 -3.37 15.54
N CYS A 138 -6.78 -4.47 15.24
CA CYS A 138 -5.78 -4.47 14.21
C CYS A 138 -6.47 -4.10 12.90
N LEU A 139 -7.66 -4.65 12.70
CA LEU A 139 -8.43 -4.38 11.45
C LEU A 139 -8.90 -2.96 11.35
N GLU A 140 -9.39 -2.44 12.47
CA GLU A 140 -9.74 -1.02 12.47
C GLU A 140 -8.53 -0.11 12.19
N MET A 141 -7.38 -0.48 12.72
CA MET A 141 -6.21 0.29 12.48
C MET A 141 -5.85 0.27 11.02
N LEU A 142 -5.95 -0.93 10.42
CA LEU A 142 -5.69 -1.09 9.00
C LEU A 142 -6.67 -0.29 8.09
N THR A 143 -7.98 -0.41 8.36
CA THR A 143 -9.00 0.40 7.76
C THR A 143 -8.70 1.87 7.81
N ARG A 144 -8.47 2.34 9.00
CA ARG A 144 -8.20 3.77 9.18
CA ARG A 144 -8.21 3.77 9.17
C ARG A 144 -6.99 4.21 8.37
N LEU A 145 -5.91 3.44 8.44
CA LEU A 145 -4.70 3.87 7.71
C LEU A 145 -4.86 3.81 6.20
N ALA A 146 -5.56 2.79 5.69
CA ALA A 146 -5.83 2.69 4.28
C ALA A 146 -6.66 3.84 3.79
N ARG A 147 -7.68 4.22 4.52
CA ARG A 147 -8.50 5.33 4.06
C ARG A 147 -7.72 6.63 4.10
N ALA A 148 -6.96 6.82 5.19
CA ALA A 148 -6.19 8.04 5.36
C ALA A 148 -5.05 8.18 4.33
N ALA A 149 -4.40 7.07 3.95
CA ALA A 149 -3.26 7.12 3.05
C ALA A 149 -3.69 7.15 1.58
N GLY A 150 -4.98 6.89 1.31
CA GLY A 150 -5.42 6.65 -0.09
C GLY A 150 -5.95 7.85 -0.80
N SER A 151 -6.74 7.56 -1.83
CA SER A 151 -7.21 8.59 -2.68
C SER A 151 -8.27 9.47 -2.06
N ALA A 152 -8.88 9.02 -0.99
CA ALA A 152 -9.83 9.85 -0.20
C ALA A 152 -9.12 10.60 0.95
N GLY A 153 -7.84 10.35 1.12
CA GLY A 153 -7.03 11.11 2.04
C GLY A 153 -5.78 11.69 1.44
N MET A 154 -4.63 11.20 1.93
CA MET A 154 -3.35 11.75 1.59
C MET A 154 -3.10 11.89 0.05
N VAL A 155 -3.37 10.83 -0.68
CA VAL A 155 -3.12 10.81 -2.13
C VAL A 155 -4.07 11.80 -2.82
N GLY A 156 -5.29 11.83 -2.36
CA GLY A 156 -6.23 12.83 -2.84
C GLY A 156 -5.77 14.27 -2.57
N GLY A 157 -5.21 14.50 -1.38
CA GLY A 157 -4.56 15.77 -1.03
C GLY A 157 -3.48 16.22 -1.97
N GLN A 158 -2.62 15.30 -2.35
CA GLN A 158 -1.59 15.58 -3.26
C GLN A 158 -2.17 15.90 -4.65
N ALA A 159 -3.25 15.22 -5.08
CA ALA A 159 -3.89 15.49 -6.33
C ALA A 159 -4.51 16.89 -6.32
N ILE A 160 -5.11 17.24 -5.19
CA ILE A 160 -5.70 18.58 -5.05
C ILE A 160 -4.56 19.61 -5.12
N ASP A 161 -3.47 19.35 -4.37
CA ASP A 161 -2.32 20.22 -4.37
C ASP A 161 -1.83 20.44 -5.79
N LEU A 162 -1.58 19.37 -6.52
CA LEU A 162 -1.01 19.53 -7.82
C LEU A 162 -2.00 20.19 -8.80
N GLY A 163 -3.28 19.97 -8.62
CA GLY A 163 -4.27 20.50 -9.52
C GLY A 163 -4.75 21.92 -9.22
N SER A 164 -4.18 22.54 -8.20
CA SER A 164 -4.53 23.90 -7.80
C SER A 164 -3.68 24.92 -8.54
N LEU A 169 -7.32 30.50 -5.29
CA LEU A 169 -7.47 29.61 -4.12
C LEU A 169 -7.81 30.39 -2.83
N ASP A 170 -8.97 30.11 -2.23
CA ASP A 170 -9.44 30.82 -1.04
C ASP A 170 -9.17 29.97 0.21
N GLN A 171 -9.52 30.49 1.38
CA GLN A 171 -9.16 29.78 2.60
C GLN A 171 -9.83 28.43 2.69
N ALA A 172 -11.11 28.40 2.30
CA ALA A 172 -11.82 27.12 2.45
C ALA A 172 -11.16 26.00 1.59
N ALA A 173 -10.68 26.39 0.41
CA ALA A 173 -10.10 25.46 -0.55
C ALA A 173 -8.73 25.04 -0.08
N LEU A 174 -7.97 25.99 0.46
CA LEU A 174 -6.67 25.70 1.00
C LEU A 174 -6.76 24.70 2.18
N GLU A 175 -7.74 24.89 3.02
CA GLU A 175 -8.01 24.00 4.12
C GLU A 175 -8.49 22.63 3.69
N VAL A 176 -9.30 22.55 2.63
CA VAL A 176 -9.66 21.23 2.07
C VAL A 176 -8.38 20.45 1.67
N MET A 177 -7.48 21.14 1.03
CA MET A 177 -6.26 20.54 0.52
C MET A 177 -5.42 20.09 1.73
N HIS A 178 -5.20 20.98 2.69
CA HIS A 178 -4.47 20.59 3.89
C HIS A 178 -5.09 19.43 4.67
N ARG A 179 -6.40 19.44 4.89
CA ARG A 179 -7.04 18.36 5.53
C ARG A 179 -6.77 16.97 4.88
N HIS A 180 -6.73 16.96 3.55
CA HIS A 180 -6.45 15.76 2.87
C HIS A 180 -4.98 15.43 2.87
N LYS A 181 -4.18 16.40 2.42
CA LYS A 181 -2.76 16.14 2.15
C LYS A 181 -1.94 15.84 3.40
N THR A 182 -2.20 16.53 4.51
CA THR A 182 -1.49 16.19 5.75
C THR A 182 -2.44 15.80 6.90
N GLY A 183 -3.64 16.38 6.90
CA GLY A 183 -4.62 16.20 7.95
C GLY A 183 -4.96 14.73 8.19
N ALA A 184 -5.21 14.00 7.11
CA ALA A 184 -5.74 12.63 7.20
C ALA A 184 -4.74 11.72 7.90
N LEU A 185 -3.49 11.87 7.60
CA LEU A 185 -2.46 11.04 8.23
C LEU A 185 -2.12 11.45 9.63
N ILE A 186 -2.17 12.77 9.93
CA ILE A 186 -2.01 13.24 11.33
C ILE A 186 -3.17 12.65 12.18
N GLU A 187 -4.41 12.74 11.67
CA GLU A 187 -5.57 12.15 12.32
C GLU A 187 -5.45 10.64 12.49
N ALA A 188 -4.88 9.98 11.50
CA ALA A 188 -4.75 8.54 11.60
C ALA A 188 -3.70 8.16 12.66
N SER A 189 -2.61 8.95 12.77
CA SER A 189 -1.57 8.65 13.73
C SER A 189 -2.20 8.69 15.12
N VAL A 190 -2.98 9.75 15.37
CA VAL A 190 -3.65 9.91 16.63
C VAL A 190 -4.62 8.74 16.91
N ARG A 191 -5.43 8.44 15.92
CA ARG A 191 -6.41 7.37 16.01
C ARG A 191 -5.75 6.03 16.25
N LEU A 192 -4.69 5.72 15.49
CA LEU A 192 -4.03 4.44 15.60
C LEU A 192 -3.40 4.26 16.98
N GLY A 193 -2.75 5.32 17.50
CA GLY A 193 -2.19 5.21 18.81
C GLY A 193 -3.25 4.99 19.91
N ALA A 194 -4.36 5.71 19.77
CA ALA A 194 -5.51 5.58 20.69
C ALA A 194 -6.07 4.14 20.62
N LEU A 195 -6.20 3.62 19.42
CA LEU A 195 -6.66 2.20 19.27
C LEU A 195 -5.73 1.25 19.96
N ALA A 196 -4.42 1.49 19.81
CA ALA A 196 -3.41 0.63 20.41
C ALA A 196 -3.46 0.61 21.92
N SER A 197 -4.02 1.64 22.52
CA SER A 197 -4.07 1.72 24.01
C SER A 197 -4.91 0.58 24.62
N GLY A 198 -5.79 -0.02 23.84
CA GLY A 198 -6.80 -0.96 24.33
C GLY A 198 -7.91 -0.30 25.12
N ARG A 199 -7.91 1.01 25.23
CA ARG A 199 -8.84 1.70 26.11
C ARG A 199 -9.62 2.73 25.38
N ALA A 200 -9.66 2.60 24.06
CA ALA A 200 -10.33 3.58 23.27
C ALA A 200 -11.82 3.46 23.50
N GLU A 201 -12.53 4.60 23.43
CA GLU A 201 -13.98 4.64 23.43
C GLU A 201 -14.37 5.70 22.41
N PRO A 202 -15.58 5.61 21.87
CA PRO A 202 -16.07 6.60 20.86
C PRO A 202 -15.94 8.06 21.28
N ALA A 203 -16.21 8.37 22.54
CA ALA A 203 -16.17 9.75 22.95
C ALA A 203 -14.71 10.22 22.99
N SER A 204 -13.83 9.38 23.52
CA SER A 204 -12.40 9.72 23.49
C SER A 204 -11.79 9.83 22.13
N LEU A 205 -12.12 8.86 21.28
CA LEU A 205 -11.71 8.91 19.90
C LEU A 205 -12.19 10.18 19.20
N ALA A 206 -13.40 10.64 19.50
CA ALA A 206 -13.90 11.84 18.85
C ALA A 206 -13.16 13.07 19.32
N ALA A 207 -12.88 13.10 20.61
CA ALA A 207 -12.12 14.22 21.21
C ALA A 207 -10.71 14.26 20.63
N LEU A 208 -10.06 13.11 20.53
CA LEU A 208 -8.73 13.06 19.93
C LEU A 208 -8.70 13.43 18.49
N GLU A 209 -9.77 13.11 17.75
CA GLU A 209 -9.88 13.53 16.38
C GLU A 209 -9.99 15.04 16.25
N ARG A 210 -10.82 15.67 17.11
CA ARG A 210 -10.86 17.15 17.19
C ARG A 210 -9.47 17.74 17.47
N TYR A 211 -8.77 17.17 18.43
CA TYR A 211 -7.42 17.57 18.74
C TYR A 211 -6.58 17.47 17.44
N ALA A 212 -6.65 16.34 16.77
CA ALA A 212 -5.76 16.15 15.57
C ALA A 212 -6.07 17.09 14.42
N GLU A 213 -7.34 17.35 14.22
CA GLU A 213 -7.75 18.25 13.13
C GLU A 213 -7.16 19.65 13.41
N ALA A 214 -7.24 20.05 14.66
CA ALA A 214 -6.73 21.32 15.12
C ALA A 214 -5.26 21.39 14.98
N ILE A 215 -4.52 20.39 15.43
CA ILE A 215 -3.09 20.60 15.33
C ILE A 215 -2.57 20.42 13.90
N GLY A 216 -3.24 19.55 13.13
CA GLY A 216 -2.81 19.38 11.77
C GLY A 216 -2.79 20.68 11.02
N LEU A 217 -3.84 21.47 11.20
CA LEU A 217 -3.89 22.79 10.64
C LEU A 217 -2.93 23.79 11.28
N ALA A 218 -2.80 23.73 12.58
CA ALA A 218 -1.83 24.64 13.27
C ALA A 218 -0.43 24.50 12.67
N PHE A 219 0.02 23.28 12.36
CA PHE A 219 1.34 23.09 11.74
C PHE A 219 1.51 23.95 10.46
N GLN A 220 0.49 23.92 9.64
CA GLN A 220 0.53 24.58 8.39
C GLN A 220 0.47 26.08 8.53
N VAL A 221 -0.40 26.54 9.42
CA VAL A 221 -0.49 27.98 9.67
C VAL A 221 0.84 28.50 10.19
N GLN A 222 1.43 27.77 11.14
CA GLN A 222 2.64 28.25 11.73
C GLN A 222 3.82 28.21 10.75
N ASP A 223 3.87 27.17 9.93
CA ASP A 223 4.94 27.08 8.88
C ASP A 223 4.89 28.26 7.94
N ASP A 224 3.68 28.63 7.50
CA ASP A 224 3.47 29.77 6.62
C ASP A 224 3.95 31.04 7.32
N ILE A 225 3.58 31.21 8.58
CA ILE A 225 4.01 32.38 9.36
C ILE A 225 5.50 32.45 9.45
N LEU A 226 6.13 31.30 9.70
CA LEU A 226 7.57 31.31 9.85
C LEU A 226 8.29 31.61 8.55
N ASP A 227 7.72 31.17 7.42
CA ASP A 227 8.29 31.49 6.10
C ASP A 227 8.32 32.99 5.80
N VAL A 228 7.32 33.73 6.26
CA VAL A 228 7.28 35.18 6.04
C VAL A 228 8.25 35.92 6.95
N PRO A 248 -0.27 31.74 -2.11
CA PRO A 248 -1.54 31.28 -1.59
C PRO A 248 -1.35 30.73 -0.15
N THR A 249 -0.88 31.60 0.76
CA THR A 249 -0.46 31.23 2.14
C THR A 249 -1.43 31.75 3.20
N TYR A 250 -1.35 31.25 4.45
CA TYR A 250 -2.28 31.76 5.46
C TYR A 250 -2.09 33.28 5.73
N PRO A 251 -0.85 33.74 5.84
CA PRO A 251 -0.63 35.19 5.93
C PRO A 251 -1.19 36.02 4.77
N ALA A 252 -1.05 35.48 3.56
CA ALA A 252 -1.53 36.19 2.35
C ALA A 252 -3.04 36.24 2.32
N LEU A 253 -3.70 35.23 2.87
CA LEU A 253 -5.15 35.24 2.89
C LEU A 253 -5.80 35.94 4.03
N LEU A 254 -5.23 35.80 5.21
CA LEU A 254 -5.87 36.41 6.40
C LEU A 254 -5.23 37.73 6.76
N GLY A 255 -4.04 37.99 6.23
CA GLY A 255 -3.13 38.97 6.83
C GLY A 255 -2.19 38.34 7.84
N LEU A 256 -1.02 38.94 7.99
CA LEU A 256 0.04 38.39 8.82
C LEU A 256 -0.37 38.29 10.29
N GLU A 257 -0.96 39.34 10.81
CA GLU A 257 -1.32 39.31 12.23
C GLU A 257 -2.53 38.46 12.47
N ALA A 258 -3.49 38.48 11.55
CA ALA A 258 -4.65 37.61 11.72
C ALA A 258 -4.25 36.10 11.65
N ALA A 259 -3.22 35.78 10.87
CA ALA A 259 -2.76 34.39 10.77
C ALA A 259 -2.17 33.92 12.12
N LYS A 260 -1.38 34.78 12.76
CA LYS A 260 -0.86 34.46 14.10
C LYS A 260 -2.01 34.24 15.09
N GLY A 261 -3.05 35.06 14.98
CA GLY A 261 -4.24 34.90 15.79
C GLY A 261 -4.94 33.56 15.59
N TYR A 262 -5.03 33.16 14.33
CA TYR A 262 -5.62 31.90 14.01
C TYR A 262 -4.80 30.73 14.57
N ALA A 263 -3.49 30.83 14.49
CA ALA A 263 -2.64 29.77 15.07
C ALA A 263 -2.95 29.61 16.54
N LEU A 264 -3.09 30.71 17.28
CA LEU A 264 -3.46 30.52 18.71
C LEU A 264 -4.85 29.92 18.89
N GLU A 265 -5.79 30.32 18.04
CA GLU A 265 -7.15 29.78 18.09
C GLU A 265 -7.12 28.26 17.84
N LEU A 266 -6.26 27.83 16.94
CA LEU A 266 -6.16 26.35 16.69
C LEU A 266 -5.55 25.58 17.89
N ARG A 267 -4.50 26.16 18.47
CA ARG A 267 -3.95 25.59 19.68
C ARG A 267 -5.02 25.50 20.75
N ASP A 268 -5.81 26.53 20.87
CA ASP A 268 -6.88 26.47 21.91
C ASP A 268 -7.91 25.40 21.66
N LEU A 269 -8.25 25.20 20.39
CA LEU A 269 -9.27 24.23 20.07
C LEU A 269 -8.66 22.87 20.35
N ALA A 270 -7.38 22.68 20.00
CA ALA A 270 -6.72 21.43 20.39
C ALA A 270 -6.74 21.16 21.92
N LEU A 271 -6.41 22.15 22.75
CA LEU A 271 -6.41 21.99 24.17
C LEU A 271 -7.80 21.75 24.68
N ALA A 272 -8.75 22.40 24.08
CA ALA A 272 -10.16 22.24 24.52
C ALA A 272 -10.69 20.83 24.22
N ALA A 273 -10.23 20.25 23.13
CA ALA A 273 -10.68 18.91 22.80
C ALA A 273 -10.18 17.96 23.85
N LEU A 274 -9.09 18.29 24.53
CA LEU A 274 -8.56 17.37 25.52
C LEU A 274 -9.04 17.66 26.95
N ASP A 275 -10.01 18.54 27.07
CA ASP A 275 -10.64 18.79 28.39
C ASP A 275 -11.17 17.52 29.03
N GLY A 276 -10.81 17.32 30.28
CA GLY A 276 -11.29 16.14 30.97
C GLY A 276 -10.41 14.92 30.79
N PHE A 277 -9.38 14.99 29.92
CA PHE A 277 -8.43 13.93 29.82
C PHE A 277 -7.49 14.05 31.01
N PRO A 278 -6.94 12.94 31.45
CA PRO A 278 -6.05 13.01 32.59
C PRO A 278 -4.69 13.63 32.32
N PRO A 279 -3.83 13.67 33.36
CA PRO A 279 -2.45 14.12 33.14
C PRO A 279 -1.64 13.30 32.13
N SER A 280 -1.98 12.05 31.85
CA SER A 280 -1.18 11.35 30.81
C SER A 280 -1.36 11.92 29.37
N ALA A 281 -2.34 12.80 29.21
CA ALA A 281 -2.54 13.56 28.01
C ALA A 281 -1.67 14.82 27.91
N ASP A 282 -0.82 15.11 28.90
CA ASP A 282 -0.04 16.35 28.81
C ASP A 282 0.88 16.37 27.60
N PRO A 283 1.49 15.22 27.23
CA PRO A 283 2.40 15.33 26.08
C PRO A 283 1.70 15.92 24.82
N LEU A 284 0.44 15.56 24.64
CA LEU A 284 -0.39 16.11 23.55
C LEU A 284 -0.67 17.60 23.76
N ARG A 285 -0.95 18.01 24.98
CA ARG A 285 -1.16 19.43 25.28
C ARG A 285 0.15 20.20 25.00
N GLN A 286 1.29 19.67 25.44
CA GLN A 286 2.55 20.36 25.23
C GLN A 286 2.92 20.49 23.76
N LEU A 287 2.61 19.44 22.98
CA LEU A 287 2.85 19.50 21.53
C LEU A 287 2.05 20.64 20.87
N ALA A 288 0.80 20.81 21.26
CA ALA A 288 -0.07 21.85 20.74
C ALA A 288 0.47 23.21 20.93
N ARG A 289 0.97 23.46 22.14
CA ARG A 289 1.64 24.75 22.49
C ARG A 289 2.92 24.92 21.70
N TYR A 290 3.71 23.85 21.66
CA TYR A 290 4.98 23.86 20.98
C TYR A 290 4.91 24.27 19.51
N ILE A 291 3.92 23.73 18.79
CA ILE A 291 3.66 24.03 17.39
C ILE A 291 3.49 25.54 17.11
N VAL A 292 2.74 26.22 17.98
CA VAL A 292 2.51 27.63 17.76
C VAL A 292 3.54 28.52 18.43
N GLU A 293 4.38 27.96 19.29
CA GLU A 293 5.39 28.75 20.00
C GLU A 293 6.73 28.81 19.28
N ARG A 294 6.85 27.99 18.25
CA ARG A 294 8.06 27.86 17.47
C ARG A 294 8.41 29.18 16.81
N ARG A 295 9.70 29.54 16.96
CA ARG A 295 10.46 30.63 16.31
C ARG A 295 9.65 31.81 15.89
N SER B 1 -12.76 -23.72 -22.70
CA SER B 1 -14.01 -24.58 -22.79
C SER B 1 -14.96 -24.30 -21.59
N MET B 2 -15.07 -25.23 -20.64
CA MET B 2 -15.58 -24.89 -19.33
C MET B 2 -14.68 -23.80 -18.68
N ILE B 3 -13.37 -23.82 -18.92
CA ILE B 3 -12.51 -22.79 -18.28
C ILE B 3 -12.81 -21.42 -18.89
N ALA B 4 -13.13 -21.39 -20.18
CA ALA B 4 -13.55 -20.17 -20.83
C ALA B 4 -14.80 -19.58 -20.14
N ALA B 5 -15.78 -20.44 -19.87
CA ALA B 5 -17.01 -20.01 -19.23
C ALA B 5 -16.68 -19.53 -17.81
N TYR B 6 -15.83 -20.27 -17.12
CA TYR B 6 -15.44 -19.95 -15.77
C TYR B 6 -14.77 -18.57 -15.72
N GLN B 7 -13.82 -18.35 -16.62
CA GLN B 7 -13.14 -17.09 -16.73
C GLN B 7 -14.13 -15.92 -16.97
N ALA B 8 -15.12 -16.14 -17.81
CA ALA B 8 -16.04 -15.07 -18.18
C ALA B 8 -16.91 -14.66 -17.01
N ARG B 9 -17.40 -15.63 -16.26
CA ARG B 9 -18.09 -15.34 -15.00
C ARG B 9 -17.25 -14.59 -13.95
N CYS B 10 -16.00 -15.00 -13.80
CA CYS B 10 -15.10 -14.37 -12.85
C CYS B 10 -14.84 -12.93 -13.24
N GLN B 11 -14.57 -12.74 -14.51
CA GLN B 11 -14.39 -11.41 -15.07
C GLN B 11 -15.62 -10.48 -14.89
N ALA B 12 -16.79 -10.97 -15.23
CA ALA B 12 -18.00 -10.17 -15.02
C ALA B 12 -18.17 -9.78 -13.57
N ARG B 13 -18.04 -10.76 -12.69
CA ARG B 13 -18.24 -10.56 -11.33
C ARG B 13 -17.25 -9.55 -10.73
N VAL B 14 -15.98 -9.76 -10.92
CA VAL B 14 -14.98 -8.86 -10.33
C VAL B 14 -15.07 -7.46 -10.95
N ASP B 15 -15.44 -7.38 -12.23
CA ASP B 15 -15.57 -6.08 -12.87
C ASP B 15 -16.69 -5.25 -12.27
N ALA B 16 -17.76 -5.91 -11.96
CA ALA B 16 -18.88 -5.22 -11.32
C ALA B 16 -18.47 -4.68 -9.95
N ALA B 17 -17.77 -5.49 -9.16
CA ALA B 17 -17.32 -5.05 -7.83
C ALA B 17 -16.26 -3.95 -7.94
N LEU B 18 -15.34 -4.08 -8.89
CA LEU B 18 -14.30 -3.05 -9.09
C LEU B 18 -14.90 -1.72 -9.51
N ASP B 19 -15.84 -1.78 -10.44
CA ASP B 19 -16.39 -0.57 -11.02
C ASP B 19 -17.05 0.33 -9.95
N ALA B 20 -17.59 -0.31 -8.94
CA ALA B 20 -18.16 0.42 -7.82
C ALA B 20 -17.17 1.17 -6.86
N LEU B 21 -15.87 0.94 -6.98
CA LEU B 21 -14.91 1.52 -6.07
C LEU B 21 -14.43 2.88 -6.53
N PHE B 22 -14.85 3.33 -7.67
CA PHE B 22 -14.22 4.50 -8.32
C PHE B 22 -15.07 5.75 -8.36
N VAL B 23 -15.90 5.90 -7.35
CA VAL B 23 -16.65 7.15 -7.14
C VAL B 23 -15.94 8.11 -6.20
N ALA B 24 -15.53 9.25 -6.74
CA ALA B 24 -14.85 10.27 -5.98
C ALA B 24 -15.75 10.76 -4.88
N PRO B 25 -15.26 10.82 -3.65
CA PRO B 25 -16.07 11.34 -2.53
C PRO B 25 -16.33 12.81 -2.62
N ARG B 26 -15.54 13.54 -3.41
CA ARG B 26 -15.89 14.94 -3.68
C ARG B 26 -15.34 15.42 -4.97
N GLU B 27 -15.85 16.57 -5.44
CA GLU B 27 -15.64 16.99 -6.81
C GLU B 27 -14.19 17.25 -7.16
N GLU B 28 -13.42 17.70 -6.17
CA GLU B 28 -12.02 18.00 -6.40
C GLU B 28 -11.19 16.72 -6.74
N LEU B 29 -11.69 15.56 -6.33
CA LEU B 29 -10.97 14.31 -6.56
C LEU B 29 -11.48 13.56 -7.82
N GLN B 30 -12.41 14.17 -8.57
CA GLN B 30 -12.97 13.49 -9.75
C GLN B 30 -11.94 12.96 -10.73
N ARG B 31 -10.94 13.77 -11.05
CA ARG B 31 -9.98 13.37 -12.11
C ARG B 31 -9.09 12.25 -11.61
N LEU B 32 -8.73 12.30 -10.34
CA LEU B 32 -7.92 11.25 -9.74
C LEU B 32 -8.68 9.90 -9.81
N TYR B 33 -9.96 9.92 -9.47
CA TYR B 33 -10.79 8.73 -9.47
C TYR B 33 -11.03 8.19 -10.90
N GLU B 34 -11.10 9.08 -11.85
CA GLU B 34 -11.25 8.72 -13.26
C GLU B 34 -9.97 8.06 -13.73
N ALA B 35 -8.84 8.56 -13.27
CA ALA B 35 -7.59 7.85 -13.62
C ALA B 35 -7.44 6.50 -12.97
N MET B 36 -7.91 6.38 -11.75
CA MET B 36 -7.98 5.11 -11.07
C MET B 36 -8.88 4.14 -11.85
N ARG B 37 -10.06 4.61 -12.27
CA ARG B 37 -10.94 3.79 -13.02
C ARG B 37 -10.31 3.38 -14.36
N TYR B 38 -9.65 4.31 -15.04
CA TYR B 38 -9.06 4.08 -16.36
C TYR B 38 -7.99 2.98 -16.25
N SER B 39 -7.26 3.03 -15.16
CA SER B 39 -6.20 2.04 -14.87
C SER B 39 -6.67 0.60 -14.56
N VAL B 40 -7.90 0.41 -14.13
CA VAL B 40 -8.38 -0.86 -13.69
C VAL B 40 -9.36 -1.46 -14.70
N MET B 41 -10.24 -0.59 -15.21
CA MET B 41 -11.40 -1.03 -15.99
C MET B 41 -10.95 -1.02 -17.42
N ASN B 42 -9.98 -1.86 -17.74
CA ASN B 42 -9.33 -1.81 -19.06
C ASN B 42 -9.54 -3.10 -19.94
N GLY B 43 -10.52 -3.90 -19.58
CA GLY B 43 -10.80 -5.12 -20.29
C GLY B 43 -9.79 -6.23 -20.05
N GLY B 44 -9.06 -6.17 -18.94
CA GLY B 44 -8.11 -7.21 -18.62
C GLY B 44 -8.79 -8.55 -18.38
N LYS B 45 -8.01 -9.61 -18.55
CA LYS B 45 -8.55 -10.98 -18.45
C LYS B 45 -8.91 -11.43 -17.03
N ARG B 46 -8.40 -10.72 -16.00
CA ARG B 46 -8.68 -11.03 -14.61
C ARG B 46 -8.23 -12.44 -14.15
N VAL B 47 -7.03 -12.83 -14.53
CA VAL B 47 -6.52 -14.14 -14.10
C VAL B 47 -6.37 -14.26 -12.59
N ARG B 48 -5.99 -13.14 -11.96
CA ARG B 48 -5.76 -13.22 -10.53
C ARG B 48 -7.09 -13.41 -9.77
N PRO B 49 -8.13 -12.69 -10.17
CA PRO B 49 -9.45 -12.91 -9.56
C PRO B 49 -9.92 -14.35 -9.92
N LEU B 50 -9.67 -14.85 -11.13
CA LEU B 50 -10.08 -16.23 -11.44
C LEU B 50 -9.41 -17.19 -10.47
N LEU B 51 -8.13 -16.96 -10.17
CA LEU B 51 -7.39 -17.84 -9.30
C LEU B 51 -7.92 -17.78 -7.85
N ALA B 52 -8.32 -16.60 -7.39
CA ALA B 52 -8.88 -16.48 -6.05
C ALA B 52 -10.24 -17.23 -5.95
N TYR B 53 -11.09 -16.98 -6.93
CA TYR B 53 -12.41 -17.68 -7.04
C TYR B 53 -12.25 -19.20 -7.12
N ALA B 54 -11.35 -19.62 -8.00
CA ALA B 54 -11.10 -21.05 -8.18
C ALA B 54 -10.44 -21.75 -7.00
N ALA B 55 -9.56 -21.07 -6.26
CA ALA B 55 -8.96 -21.66 -5.10
C ALA B 55 -9.98 -21.73 -3.98
N CYS B 56 -10.79 -20.68 -3.86
CA CYS B 56 -11.93 -20.72 -2.87
C CYS B 56 -12.83 -21.98 -3.13
N GLU B 57 -13.34 -22.10 -4.35
CA GLU B 57 -14.14 -23.27 -4.80
C GLU B 57 -13.43 -24.59 -4.68
N ALA B 58 -12.10 -24.65 -4.91
CA ALA B 58 -11.35 -25.92 -4.79
C ALA B 58 -11.40 -26.45 -3.42
N LEU B 59 -11.52 -25.56 -2.43
CA LEU B 59 -11.62 -25.98 -1.04
C LEU B 59 -13.05 -26.05 -0.53
N GLY B 60 -14.01 -25.84 -1.42
CA GLY B 60 -15.41 -26.07 -1.04
C GLY B 60 -16.17 -24.81 -0.65
N GLY B 61 -15.56 -23.65 -0.86
CA GLY B 61 -16.21 -22.40 -0.50
C GLY B 61 -17.09 -21.89 -1.57
N ALA B 62 -18.21 -21.28 -1.20
CA ALA B 62 -18.94 -20.50 -2.18
C ALA B 62 -18.06 -19.37 -2.76
N PRO B 63 -18.01 -19.19 -4.07
CA PRO B 63 -17.04 -18.19 -4.62
C PRO B 63 -17.25 -16.75 -4.20
N GLN B 64 -18.48 -16.35 -3.89
CA GLN B 64 -18.74 -14.95 -3.45
C GLN B 64 -17.97 -14.63 -2.16
N ARG B 65 -17.61 -15.64 -1.40
CA ARG B 65 -16.74 -15.38 -0.27
C ARG B 65 -15.36 -14.75 -0.66
N ALA B 66 -14.91 -15.01 -1.87
CA ALA B 66 -13.61 -14.52 -2.38
C ALA B 66 -13.70 -13.20 -3.07
N ASP B 67 -14.88 -12.57 -3.05
CA ASP B 67 -15.04 -11.34 -3.84
C ASP B 67 -14.03 -10.27 -3.50
N ALA B 68 -13.79 -10.04 -2.20
CA ALA B 68 -12.83 -9.02 -1.76
C ALA B 68 -11.42 -9.36 -2.17
N ALA B 69 -11.05 -10.60 -1.95
CA ALA B 69 -9.75 -11.11 -2.38
C ALA B 69 -9.51 -10.88 -3.80
N ALA B 70 -10.53 -11.20 -4.61
CA ALA B 70 -10.47 -11.07 -6.05
C ALA B 70 -10.26 -9.57 -6.42
N CYS B 71 -10.98 -8.66 -5.76
CA CYS B 71 -10.73 -7.24 -6.03
C CYS B 71 -9.29 -6.81 -5.64
N ALA B 72 -8.89 -7.18 -4.44
CA ALA B 72 -7.58 -6.76 -3.90
C ALA B 72 -6.41 -7.19 -4.78
N VAL B 73 -6.41 -8.45 -5.20
CA VAL B 73 -5.33 -8.87 -6.14
C VAL B 73 -5.33 -8.09 -7.44
N GLU B 74 -6.49 -7.84 -8.04
CA GLU B 74 -6.52 -7.16 -9.32
C GLU B 74 -6.14 -5.71 -9.11
N LEU B 75 -6.57 -5.13 -8.01
CA LEU B 75 -6.03 -3.76 -7.62
C LEU B 75 -4.50 -3.64 -7.57
N ILE B 76 -3.85 -4.53 -6.89
CA ILE B 76 -2.41 -4.59 -6.89
C ILE B 76 -1.87 -4.81 -8.29
N HIS B 77 -2.41 -5.77 -9.02
CA HIS B 77 -1.93 -5.99 -10.39
C HIS B 77 -2.03 -4.71 -11.21
N ALA B 78 -3.20 -4.09 -11.19
CA ALA B 78 -3.41 -2.86 -11.97
C ALA B 78 -2.43 -1.76 -11.60
N TYR B 79 -2.17 -1.56 -10.32
CA TYR B 79 -1.31 -0.42 -9.89
C TYR B 79 0.08 -0.73 -10.43
N SER B 80 0.48 -1.98 -10.33
CA SER B 80 1.83 -2.36 -10.86
C SER B 80 2.04 -2.05 -12.33
N LEU B 81 1.03 -2.29 -13.14
CA LEU B 81 1.13 -2.05 -14.56
C LEU B 81 1.20 -0.54 -14.84
N VAL B 82 0.47 0.26 -14.07
CA VAL B 82 0.56 1.71 -14.25
C VAL B 82 1.99 2.22 -13.98
N HIS B 83 2.59 1.77 -12.90
CA HIS B 83 3.99 2.13 -12.58
C HIS B 83 5.01 1.60 -13.56
N ASP B 84 4.82 0.35 -14.00
CA ASP B 84 5.72 -0.26 -14.99
C ASP B 84 5.80 0.51 -16.28
N ASP B 85 4.68 1.11 -16.71
CA ASP B 85 4.56 1.80 -17.94
C ASP B 85 5.25 3.15 -17.90
N LEU B 86 5.58 3.68 -16.71
CA LEU B 86 6.05 5.06 -16.58
C LEU B 86 7.38 5.30 -17.26
N PRO B 87 7.63 6.55 -17.64
CA PRO B 87 8.89 6.93 -18.34
C PRO B 87 10.13 6.47 -17.61
N ALA B 88 10.10 6.43 -16.26
CA ALA B 88 11.27 5.91 -15.53
C ALA B 88 11.45 4.40 -15.61
N MET B 89 10.43 3.69 -16.04
CA MET B 89 10.57 2.25 -16.18
C MET B 89 10.49 1.89 -17.65
N ASP B 90 9.37 1.36 -18.10
CA ASP B 90 9.34 0.86 -19.47
C ASP B 90 8.98 1.95 -20.46
N ASP B 91 8.46 3.08 -19.97
CA ASP B 91 8.15 4.21 -20.82
C ASP B 91 7.29 3.81 -22.00
N ASP B 92 6.14 3.16 -21.72
CA ASP B 92 5.27 2.72 -22.76
C ASP B 92 4.09 3.63 -23.01
N ASP B 93 3.84 3.91 -24.28
CA ASP B 93 2.67 4.75 -24.64
C ASP B 93 1.38 3.97 -24.71
N LEU B 94 1.48 2.67 -24.93
CA LEU B 94 0.31 1.86 -25.15
C LEU B 94 0.37 0.61 -24.27
N ARG B 95 -0.79 0.15 -23.82
CA ARG B 95 -0.91 -1.15 -23.25
C ARG B 95 -2.10 -1.78 -23.92
N ARG B 96 -1.85 -2.88 -24.62
CA ARG B 96 -2.86 -3.54 -25.40
C ARG B 96 -3.57 -2.60 -26.36
N GLY B 97 -2.78 -1.80 -27.04
CA GLY B 97 -3.30 -0.81 -27.98
C GLY B 97 -4.08 0.36 -27.44
N GLN B 98 -4.14 0.56 -26.12
CA GLN B 98 -4.79 1.78 -25.59
C GLN B 98 -3.75 2.62 -24.86
N PRO B 99 -4.00 3.92 -24.74
CA PRO B 99 -3.01 4.74 -24.07
C PRO B 99 -2.80 4.28 -22.62
N THR B 100 -1.56 4.29 -22.18
CA THR B 100 -1.27 3.98 -20.80
C THR B 100 -1.83 5.11 -19.93
N THR B 101 -1.80 4.91 -18.63
CA THR B 101 -2.46 5.92 -17.76
C THR B 101 -1.71 7.27 -17.81
N HIS B 102 -0.39 7.21 -17.88
CA HIS B 102 0.38 8.48 -17.80
C HIS B 102 0.26 9.23 -19.11
N ARG B 103 -0.05 8.50 -20.19
CA ARG B 103 -0.27 9.10 -21.53
C ARG B 103 -1.62 9.68 -21.65
N ALA B 104 -2.61 9.00 -21.11
CA ALA B 104 -4.01 9.46 -21.15
C ALA B 104 -4.20 10.69 -20.27
N PHE B 105 -3.53 10.72 -19.14
CA PHE B 105 -3.63 11.74 -18.11
C PHE B 105 -2.33 12.53 -18.06
N ASP B 106 -1.51 12.28 -17.07
CA ASP B 106 -0.18 12.78 -17.03
C ASP B 106 0.55 11.91 -16.04
N GLU B 107 1.84 12.09 -16.00
CA GLU B 107 2.71 11.24 -15.24
C GLU B 107 2.47 11.32 -13.71
N ALA B 108 2.39 12.50 -13.18
CA ALA B 108 2.04 12.66 -11.74
C ALA B 108 0.70 12.04 -11.37
N THR B 109 -0.32 12.28 -12.20
CA THR B 109 -1.64 11.69 -11.92
C THR B 109 -1.62 10.15 -12.00
N ALA B 110 -0.84 9.59 -12.92
CA ALA B 110 -0.67 8.17 -12.95
C ALA B 110 -0.03 7.58 -11.74
N ILE B 111 1.06 8.19 -11.29
CA ILE B 111 1.74 7.75 -10.11
C ILE B 111 0.74 7.76 -8.95
N LEU B 112 -0.03 8.87 -8.81
CA LEU B 112 -0.98 9.02 -7.74
C LEU B 112 -2.16 8.03 -7.81
N ALA B 113 -2.63 7.77 -8.99
CA ALA B 113 -3.78 6.90 -9.12
C ALA B 113 -3.32 5.54 -8.64
N ALA B 114 -2.12 5.16 -9.06
CA ALA B 114 -1.68 3.80 -8.73
C ALA B 114 -1.35 3.70 -7.24
N ASP B 115 -0.81 4.78 -6.66
CA ASP B 115 -0.59 4.80 -5.23
C ASP B 115 -1.91 4.60 -4.48
N GLY B 116 -2.97 5.25 -4.99
CA GLY B 116 -4.29 5.07 -4.39
C GLY B 116 -4.85 3.69 -4.57
N LEU B 117 -4.59 3.11 -5.71
CA LEU B 117 -5.02 1.68 -5.92
C LEU B 117 -4.41 0.67 -4.92
N GLN B 118 -3.16 0.86 -4.58
CA GLN B 118 -2.50 0.03 -3.61
C GLN B 118 -3.21 0.20 -2.25
N ALA B 119 -3.42 1.45 -1.77
CA ALA B 119 -4.08 1.62 -0.51
C ALA B 119 -5.46 0.98 -0.54
N LEU B 120 -6.14 1.11 -1.66
CA LEU B 120 -7.54 0.62 -1.81
C LEU B 120 -7.58 -0.90 -1.69
N ALA B 121 -6.55 -1.52 -2.20
CA ALA B 121 -6.46 -3.01 -2.13
C ALA B 121 -6.47 -3.44 -0.68
N PHE B 122 -5.70 -2.75 0.17
CA PHE B 122 -5.68 -3.12 1.61
C PHE B 122 -6.95 -2.72 2.31
N GLU B 123 -7.50 -1.61 1.90
CA GLU B 123 -8.73 -1.13 2.48
C GLU B 123 -9.82 -2.14 2.27
N VAL B 124 -9.87 -2.73 1.08
CA VAL B 124 -10.96 -3.69 0.81
C VAL B 124 -10.87 -4.96 1.61
N LEU B 125 -9.66 -5.45 1.80
CA LEU B 125 -9.44 -6.61 2.64
C LEU B 125 -9.69 -6.44 4.10
N ALA B 126 -9.50 -5.21 4.60
CA ALA B 126 -9.67 -4.92 6.01
C ALA B 126 -11.10 -4.57 6.33
N ASP B 127 -11.88 -4.21 5.34
CA ASP B 127 -13.32 -3.89 5.49
C ASP B 127 -14.13 -5.17 5.74
N THR B 128 -14.58 -5.38 6.97
CA THR B 128 -15.26 -6.65 7.29
C THR B 128 -16.64 -6.81 6.74
N ARG B 129 -17.18 -5.76 6.14
CA ARG B 129 -18.42 -5.86 5.41
C ARG B 129 -18.12 -6.43 3.99
N ARG B 130 -17.13 -5.90 3.30
CA ARG B 130 -16.76 -6.45 1.99
C ARG B 130 -16.07 -7.77 2.05
N ASN B 131 -15.31 -8.04 3.13
CA ASN B 131 -14.46 -9.22 3.28
C ASN B 131 -14.84 -9.90 4.57
N PRO B 132 -16.05 -10.48 4.62
CA PRO B 132 -16.62 -10.89 5.91
C PRO B 132 -16.10 -12.24 6.37
N GLN B 133 -14.80 -12.39 6.54
CA GLN B 133 -14.22 -13.63 7.01
C GLN B 133 -14.03 -13.49 8.52
N GLU B 134 -13.61 -14.55 9.20
CA GLU B 134 -13.18 -14.41 10.57
C GLU B 134 -12.04 -13.39 10.64
N HIS B 135 -11.99 -12.63 11.72
CA HIS B 135 -10.96 -11.53 11.76
C HIS B 135 -9.55 -12.03 11.62
N ALA B 136 -9.22 -13.14 12.25
CA ALA B 136 -7.89 -13.69 12.08
C ALA B 136 -7.55 -13.99 10.61
N VAL B 137 -8.53 -14.45 9.82
CA VAL B 137 -8.36 -14.77 8.43
C VAL B 137 -8.18 -13.48 7.64
N CYS B 138 -8.95 -12.42 7.95
CA CYS B 138 -8.83 -11.17 7.22
C CYS B 138 -7.39 -10.70 7.41
N LEU B 139 -6.90 -10.82 8.64
CA LEU B 139 -5.49 -10.37 8.94
C LEU B 139 -4.46 -11.23 8.24
N GLU B 140 -4.67 -12.53 8.19
CA GLU B 140 -3.73 -13.38 7.40
C GLU B 140 -3.73 -13.01 5.91
N MET B 141 -4.90 -12.71 5.40
CA MET B 141 -5.05 -12.32 3.99
C MET B 141 -4.27 -11.05 3.73
N LEU B 142 -4.49 -10.06 4.60
CA LEU B 142 -3.74 -8.81 4.53
C LEU B 142 -2.25 -8.97 4.61
N THR B 143 -1.77 -9.68 5.64
CA THR B 143 -0.36 -10.07 5.79
C THR B 143 0.18 -10.68 4.53
N ARG B 144 -0.52 -11.67 3.99
CA ARG B 144 -0.07 -12.32 2.77
C ARG B 144 -0.01 -11.37 1.60
N LEU B 145 -1.03 -10.55 1.39
CA LEU B 145 -1.01 -9.71 0.25
C LEU B 145 0.10 -8.64 0.38
N ALA B 146 0.27 -8.10 1.58
CA ALA B 146 1.29 -7.08 1.82
C ALA B 146 2.70 -7.61 1.56
N ARG B 147 2.96 -8.83 2.03
CA ARG B 147 4.24 -9.41 1.75
C ARG B 147 4.45 -9.69 0.27
N ALA B 148 3.42 -10.22 -0.39
CA ALA B 148 3.50 -10.55 -1.81
C ALA B 148 3.66 -9.34 -2.70
N ALA B 149 3.04 -8.23 -2.32
CA ALA B 149 3.02 -7.04 -3.15
C ALA B 149 4.21 -6.14 -2.91
N GLY B 150 4.95 -6.41 -1.83
CA GLY B 150 6.01 -5.50 -1.37
C GLY B 150 7.39 -5.81 -1.88
N SER B 151 8.38 -5.30 -1.15
CA SER B 151 9.73 -5.33 -1.62
C SER B 151 10.33 -6.72 -1.61
N ALA B 152 9.69 -7.66 -0.92
CA ALA B 152 10.18 -9.03 -0.80
C ALA B 152 9.43 -9.91 -1.85
N GLY B 153 8.49 -9.29 -2.54
CA GLY B 153 7.72 -9.91 -3.60
C GLY B 153 7.71 -9.10 -4.85
N MET B 154 6.51 -8.74 -5.35
CA MET B 154 6.34 -8.07 -6.58
C MET B 154 7.25 -6.85 -6.83
N VAL B 155 7.28 -5.92 -5.88
CA VAL B 155 8.13 -4.70 -6.02
C VAL B 155 9.59 -5.17 -6.13
N GLY B 156 9.96 -6.16 -5.33
CA GLY B 156 11.33 -6.70 -5.39
C GLY B 156 11.66 -7.31 -6.74
N GLY B 157 10.70 -8.02 -7.34
CA GLY B 157 10.80 -8.49 -8.64
C GLY B 157 11.09 -7.47 -9.70
N GLN B 158 10.38 -6.35 -9.63
CA GLN B 158 10.57 -5.28 -10.54
C GLN B 158 11.96 -4.66 -10.37
N ALA B 159 12.44 -4.56 -9.14
CA ALA B 159 13.82 -4.09 -8.88
C ALA B 159 14.85 -5.07 -9.47
N ILE B 160 14.58 -6.36 -9.35
CA ILE B 160 15.50 -7.36 -9.89
C ILE B 160 15.53 -7.18 -11.39
N ASP B 161 14.34 -7.05 -11.98
CA ASP B 161 14.16 -6.82 -13.40
C ASP B 161 15.00 -5.54 -13.81
N LEU B 162 14.80 -4.44 -13.13
CA LEU B 162 15.56 -3.23 -13.52
C LEU B 162 17.10 -3.37 -13.20
N GLY B 163 17.52 -4.14 -12.21
CA GLY B 163 18.95 -4.33 -11.92
C GLY B 163 19.64 -5.41 -12.78
N SER B 164 18.91 -6.08 -13.65
CA SER B 164 19.47 -7.18 -14.49
C SER B 164 19.79 -6.73 -15.94
N VAL B 165 19.45 -5.48 -16.28
CA VAL B 165 19.77 -4.90 -17.61
C VAL B 165 21.25 -5.05 -17.91
N GLY B 166 21.60 -5.42 -19.14
CA GLY B 166 23.02 -5.62 -19.50
C GLY B 166 23.74 -6.76 -18.76
N VAL B 167 23.23 -7.20 -17.63
CA VAL B 167 23.77 -8.36 -16.93
C VAL B 167 23.28 -9.61 -17.65
N ALA B 168 24.19 -10.53 -17.94
CA ALA B 168 23.87 -11.78 -18.62
C ALA B 168 23.09 -12.70 -17.68
N LEU B 169 21.85 -13.04 -18.03
CA LEU B 169 21.01 -13.82 -17.11
C LEU B 169 20.91 -15.29 -17.55
N ASP B 170 21.11 -16.19 -16.57
CA ASP B 170 20.90 -17.61 -16.78
C ASP B 170 19.46 -18.00 -16.34
N GLN B 171 19.11 -19.28 -16.48
CA GLN B 171 17.75 -19.73 -16.13
C GLN B 171 17.46 -19.49 -14.64
N ALA B 172 18.43 -19.80 -13.78
CA ALA B 172 18.13 -19.76 -12.34
C ALA B 172 17.83 -18.29 -11.96
N ALA B 173 18.52 -17.36 -12.61
CA ALA B 173 18.39 -15.93 -12.28
C ALA B 173 17.08 -15.41 -12.85
N LEU B 174 16.72 -15.86 -14.06
CA LEU B 174 15.48 -15.46 -14.69
C LEU B 174 14.28 -15.93 -13.86
N GLU B 175 14.36 -17.14 -13.36
CA GLU B 175 13.29 -17.69 -12.49
C GLU B 175 13.17 -17.01 -11.14
N VAL B 176 14.29 -16.68 -10.50
CA VAL B 176 14.25 -15.83 -9.29
C VAL B 176 13.44 -14.57 -9.59
N MET B 177 13.72 -13.93 -10.72
N MET B 177 13.72 -13.97 -10.75
CA MET B 177 13.05 -12.70 -11.06
CA MET B 177 13.09 -12.72 -11.11
C MET B 177 11.58 -12.96 -11.28
C MET B 177 11.61 -12.90 -11.38
N HIS B 178 11.25 -13.94 -12.11
CA HIS B 178 9.84 -14.27 -12.31
C HIS B 178 9.10 -14.61 -11.01
N ARG B 179 9.71 -15.36 -10.13
CA ARG B 179 9.04 -15.78 -8.91
C ARG B 179 8.64 -14.57 -8.07
N HIS B 180 9.50 -13.55 -8.10
CA HIS B 180 9.17 -12.33 -7.40
C HIS B 180 8.21 -11.50 -8.13
N LYS B 181 8.54 -11.19 -9.39
CA LYS B 181 7.84 -10.20 -10.15
C LYS B 181 6.41 -10.60 -10.43
N THR B 182 6.15 -11.87 -10.78
CA THR B 182 4.76 -12.25 -11.02
C THR B 182 4.34 -13.43 -10.07
N GLY B 183 5.29 -14.29 -9.68
CA GLY B 183 5.00 -15.49 -8.89
C GLY B 183 4.32 -15.15 -7.56
N ALA B 184 4.82 -14.09 -6.89
CA ALA B 184 4.38 -13.83 -5.53
C ALA B 184 2.87 -13.48 -5.53
N LEU B 185 2.47 -12.65 -6.48
CA LEU B 185 1.07 -12.21 -6.54
C LEU B 185 0.12 -13.31 -7.04
N ILE B 186 0.60 -14.14 -7.95
CA ILE B 186 -0.17 -15.34 -8.33
C ILE B 186 -0.36 -16.29 -7.12
N GLU B 187 0.69 -16.56 -6.36
CA GLU B 187 0.60 -17.39 -5.14
C GLU B 187 -0.33 -16.73 -4.14
N ALA B 188 -0.29 -15.39 -4.05
CA ALA B 188 -1.19 -14.72 -3.09
C ALA B 188 -2.65 -14.80 -3.51
N SER B 189 -2.90 -14.78 -4.83
CA SER B 189 -4.29 -14.85 -5.36
C SER B 189 -4.84 -16.19 -4.94
N VAL B 190 -4.03 -17.22 -5.07
CA VAL B 190 -4.46 -18.57 -4.69
C VAL B 190 -4.66 -18.67 -3.21
N ARG B 191 -3.71 -18.19 -2.43
CA ARG B 191 -3.72 -18.30 -1.01
C ARG B 191 -4.90 -17.55 -0.45
N LEU B 192 -5.12 -16.36 -0.98
CA LEU B 192 -6.24 -15.53 -0.47
C LEU B 192 -7.61 -16.15 -0.76
N GLY B 193 -7.77 -16.73 -1.95
CA GLY B 193 -9.02 -17.38 -2.26
C GLY B 193 -9.25 -18.58 -1.36
N ALA B 194 -8.20 -19.38 -1.18
CA ALA B 194 -8.25 -20.51 -0.27
C ALA B 194 -8.62 -20.07 1.16
N LEU B 195 -8.02 -19.00 1.63
CA LEU B 195 -8.36 -18.50 2.94
C LEU B 195 -9.80 -18.07 3.02
N ALA B 196 -10.32 -17.45 1.96
CA ALA B 196 -11.69 -17.01 1.90
C ALA B 196 -12.73 -18.13 1.96
N SER B 197 -12.32 -19.35 1.61
CA SER B 197 -13.19 -20.48 1.63
C SER B 197 -13.72 -20.81 3.01
N GLY B 198 -13.03 -20.38 4.06
CA GLY B 198 -13.32 -20.81 5.43
C GLY B 198 -13.02 -22.25 5.76
N ARG B 199 -12.33 -22.96 4.85
CA ARG B 199 -12.01 -24.35 5.05
C ARG B 199 -10.51 -24.65 4.86
N ALA B 200 -9.67 -23.62 4.87
CA ALA B 200 -8.25 -23.83 4.62
C ALA B 200 -7.56 -24.59 5.77
N GLU B 201 -6.58 -25.43 5.45
CA GLU B 201 -5.78 -26.18 6.42
C GLU B 201 -4.37 -26.15 5.89
N PRO B 202 -3.39 -26.40 6.74
CA PRO B 202 -2.01 -26.26 6.28
C PRO B 202 -1.65 -27.15 5.10
N ALA B 203 -2.19 -28.37 5.05
CA ALA B 203 -1.83 -29.29 3.96
C ALA B 203 -2.42 -28.83 2.63
N SER B 204 -3.70 -28.44 2.62
CA SER B 204 -4.36 -28.01 1.44
C SER B 204 -3.73 -26.65 0.96
N LEU B 205 -3.37 -25.76 1.91
CA LEU B 205 -2.68 -24.54 1.52
C LEU B 205 -1.33 -24.83 0.88
N ALA B 206 -0.62 -25.80 1.42
CA ALA B 206 0.69 -26.12 0.90
C ALA B 206 0.59 -26.71 -0.53
N ALA B 207 -0.42 -27.57 -0.76
CA ALA B 207 -0.64 -28.11 -2.09
C ALA B 207 -0.98 -27.02 -3.09
N LEU B 208 -1.92 -26.18 -2.72
CA LEU B 208 -2.28 -25.06 -3.58
C LEU B 208 -1.17 -24.09 -3.87
N GLU B 209 -0.24 -23.94 -2.93
CA GLU B 209 0.93 -23.12 -3.20
C GLU B 209 1.84 -23.79 -4.27
N ARG B 210 2.04 -25.12 -4.18
CA ARG B 210 2.77 -25.88 -5.21
C ARG B 210 2.11 -25.71 -6.58
N TYR B 211 0.80 -25.83 -6.62
CA TYR B 211 0.05 -25.55 -7.82
C TYR B 211 0.39 -24.13 -8.32
N ALA B 212 0.30 -23.14 -7.42
CA ALA B 212 0.49 -21.75 -7.89
C ALA B 212 1.90 -21.51 -8.40
N GLU B 213 2.87 -22.09 -7.70
CA GLU B 213 4.27 -21.91 -8.09
C GLU B 213 4.42 -22.44 -9.51
N ALA B 214 3.81 -23.59 -9.79
CA ALA B 214 3.94 -24.18 -11.11
C ALA B 214 3.20 -23.38 -12.16
N ILE B 215 1.96 -22.94 -11.91
CA ILE B 215 1.33 -22.27 -13.00
C ILE B 215 1.93 -20.88 -13.21
N GLY B 216 2.39 -20.26 -12.13
CA GLY B 216 2.94 -18.91 -12.25
C GLY B 216 4.12 -18.87 -13.25
N LEU B 217 4.99 -19.87 -13.15
CA LEU B 217 6.06 -20.06 -14.17
C LEU B 217 5.54 -20.47 -15.53
N ALA B 218 4.55 -21.35 -15.56
CA ALA B 218 4.00 -21.78 -16.84
C ALA B 218 3.48 -20.63 -17.69
N PHE B 219 2.81 -19.64 -17.06
CA PHE B 219 2.39 -18.44 -17.79
C PHE B 219 3.58 -17.76 -18.47
N GLN B 220 4.66 -17.58 -17.71
CA GLN B 220 5.83 -16.90 -18.27
C GLN B 220 6.49 -17.67 -19.41
N VAL B 221 6.61 -18.98 -19.24
CA VAL B 221 7.23 -19.81 -20.30
C VAL B 221 6.37 -19.70 -21.55
N GLN B 222 5.06 -19.83 -21.37
CA GLN B 222 4.18 -19.87 -22.48
C GLN B 222 4.12 -18.53 -23.21
N ASP B 223 4.15 -17.45 -22.44
CA ASP B 223 4.26 -16.12 -23.07
C ASP B 223 5.48 -16.02 -23.95
N ASP B 224 6.61 -16.48 -23.45
CA ASP B 224 7.85 -16.44 -24.24
C ASP B 224 7.68 -17.24 -25.51
N ILE B 225 7.03 -18.39 -25.39
CA ILE B 225 6.86 -19.26 -26.51
C ILE B 225 5.99 -18.58 -27.53
N LEU B 226 4.93 -17.92 -27.07
CA LEU B 226 4.04 -17.26 -28.02
C LEU B 226 4.72 -16.06 -28.70
N ASP B 227 5.59 -15.36 -27.98
CA ASP B 227 6.36 -14.24 -28.55
C ASP B 227 7.25 -14.69 -29.74
N VAL B 228 7.75 -15.93 -29.71
CA VAL B 228 8.44 -16.58 -30.83
C VAL B 228 7.41 -17.32 -31.69
N PRO B 248 16.80 -12.01 -22.29
CA PRO B 248 16.97 -13.47 -22.09
C PRO B 248 15.63 -14.17 -21.86
N THR B 249 15.14 -14.95 -22.85
CA THR B 249 13.80 -15.61 -22.83
C THR B 249 13.91 -17.14 -22.63
N TYR B 250 12.81 -17.83 -22.31
CA TYR B 250 12.94 -19.29 -22.11
C TYR B 250 13.36 -20.01 -23.41
N PRO B 251 12.78 -19.59 -24.54
CA PRO B 251 13.24 -20.21 -25.78
C PRO B 251 14.72 -19.93 -26.12
N ALA B 252 15.20 -18.74 -25.77
CA ALA B 252 16.61 -18.39 -26.01
C ALA B 252 17.59 -19.16 -25.14
N LEU B 253 17.15 -19.50 -23.94
CA LEU B 253 17.99 -20.29 -23.07
C LEU B 253 18.01 -21.77 -23.46
N LEU B 254 16.85 -22.31 -23.79
CA LEU B 254 16.68 -23.75 -23.84
C LEU B 254 16.52 -24.24 -25.28
N GLY B 255 16.31 -23.32 -26.19
CA GLY B 255 15.69 -23.63 -27.48
C GLY B 255 14.19 -23.78 -27.39
N LEU B 256 13.51 -23.55 -28.51
CA LEU B 256 12.08 -23.47 -28.53
C LEU B 256 11.45 -24.82 -28.11
N GLU B 257 11.97 -25.93 -28.64
CA GLU B 257 11.36 -27.22 -28.38
C GLU B 257 11.52 -27.59 -26.90
N ALA B 258 12.69 -27.39 -26.35
CA ALA B 258 12.85 -27.66 -24.97
C ALA B 258 11.95 -26.71 -24.06
N ALA B 259 11.68 -25.49 -24.51
CA ALA B 259 10.85 -24.56 -23.74
C ALA B 259 9.41 -25.03 -23.71
N LYS B 260 8.94 -25.53 -24.83
CA LYS B 260 7.60 -26.16 -24.90
C LYS B 260 7.53 -27.35 -23.95
N GLY B 261 8.60 -28.13 -23.94
CA GLY B 261 8.69 -29.27 -23.01
C GLY B 261 8.55 -28.85 -21.54
N TYR B 262 9.26 -27.77 -21.17
CA TYR B 262 9.25 -27.26 -19.82
C TYR B 262 7.87 -26.76 -19.43
N ALA B 263 7.19 -26.05 -20.33
CA ALA B 263 5.81 -25.67 -20.11
C ALA B 263 4.93 -26.85 -19.73
N LEU B 264 5.02 -27.95 -20.50
CA LEU B 264 4.21 -29.11 -20.23
C LEU B 264 4.62 -29.75 -18.91
N GLU B 265 5.91 -29.73 -18.55
CA GLU B 265 6.38 -30.21 -17.24
C GLU B 265 5.73 -29.40 -16.07
N LEU B 266 5.57 -28.12 -16.32
CA LEU B 266 4.98 -27.27 -15.29
C LEU B 266 3.49 -27.59 -15.14
N ARG B 267 2.81 -27.81 -16.25
CA ARG B 267 1.42 -28.22 -16.20
C ARG B 267 1.29 -29.50 -15.39
N ASP B 268 2.21 -30.41 -15.59
CA ASP B 268 2.17 -31.69 -14.86
C ASP B 268 2.34 -31.54 -13.35
N LEU B 269 3.25 -30.64 -12.95
CA LEU B 269 3.50 -30.42 -11.57
C LEU B 269 2.28 -29.73 -10.98
N ALA B 270 1.66 -28.85 -11.74
CA ALA B 270 0.39 -28.26 -11.24
C ALA B 270 -0.71 -29.32 -11.02
N LEU B 271 -0.91 -30.21 -11.99
CA LEU B 271 -1.97 -31.23 -11.84
C LEU B 271 -1.62 -32.12 -10.71
N ALA B 272 -0.34 -32.42 -10.53
CA ALA B 272 0.06 -33.28 -9.42
C ALA B 272 -0.20 -32.70 -8.05
N ALA B 273 -0.09 -31.37 -7.94
CA ALA B 273 -0.23 -30.73 -6.64
C ALA B 273 -1.65 -30.84 -6.25
N LEU B 274 -2.53 -31.02 -7.24
CA LEU B 274 -3.96 -31.11 -6.93
C LEU B 274 -4.49 -32.54 -6.70
N ASP B 275 -3.55 -33.47 -6.61
CA ASP B 275 -3.85 -34.83 -6.22
C ASP B 275 -4.75 -34.88 -4.96
N GLY B 276 -5.85 -35.61 -5.06
CA GLY B 276 -6.69 -35.80 -3.87
C GLY B 276 -7.71 -34.71 -3.65
N PHE B 277 -7.68 -33.64 -4.48
CA PHE B 277 -8.66 -32.58 -4.35
C PHE B 277 -9.99 -33.03 -4.98
N PRO B 278 -11.12 -32.49 -4.51
CA PRO B 278 -12.40 -32.88 -5.11
C PRO B 278 -12.66 -32.35 -6.50
N PRO B 279 -13.81 -32.73 -7.11
CA PRO B 279 -14.20 -32.14 -8.38
C PRO B 279 -14.31 -30.60 -8.45
N SER B 280 -14.65 -29.96 -7.34
CA SER B 280 -14.66 -28.52 -7.29
C SER B 280 -13.30 -27.87 -7.59
N ALA B 281 -12.23 -28.65 -7.60
CA ALA B 281 -10.93 -28.16 -8.05
C ALA B 281 -10.76 -28.27 -9.55
N ASP B 282 -11.75 -28.73 -10.32
CA ASP B 282 -11.53 -28.89 -11.74
C ASP B 282 -11.17 -27.56 -12.43
N PRO B 283 -11.78 -26.41 -11.98
CA PRO B 283 -11.40 -25.21 -12.69
C PRO B 283 -9.88 -24.95 -12.64
N LEU B 284 -9.28 -25.22 -11.52
CA LEU B 284 -7.81 -25.10 -11.45
C LEU B 284 -7.12 -26.12 -12.37
N ARG B 285 -7.64 -27.36 -12.46
CA ARG B 285 -6.98 -28.36 -13.34
C ARG B 285 -7.10 -27.86 -14.76
N GLN B 286 -8.25 -27.26 -15.09
CA GLN B 286 -8.48 -26.86 -16.47
C GLN B 286 -7.64 -25.70 -16.84
N LEU B 287 -7.46 -24.79 -15.89
CA LEU B 287 -6.62 -23.61 -16.10
C LEU B 287 -5.20 -24.04 -16.42
N ALA B 288 -4.70 -25.03 -15.67
CA ALA B 288 -3.33 -25.50 -15.86
C ALA B 288 -3.10 -26.00 -17.28
N ARG B 289 -4.04 -26.81 -17.75
CA ARG B 289 -4.02 -27.38 -19.08
C ARG B 289 -4.16 -26.29 -20.13
N TYR B 290 -5.07 -25.38 -19.88
CA TYR B 290 -5.34 -24.27 -20.75
C TYR B 290 -4.11 -23.40 -21.05
N ILE B 291 -3.36 -23.04 -19.99
CA ILE B 291 -2.20 -22.14 -20.08
C ILE B 291 -1.29 -22.64 -21.18
N VAL B 292 -1.09 -23.94 -21.21
CA VAL B 292 -0.10 -24.52 -22.11
C VAL B 292 -0.76 -25.07 -23.37
#